data_6F8G
#
_entry.id   6F8G
#
_cell.length_a   45.400
_cell.length_b   55.170
_cell.length_c   58.070
_cell.angle_alpha   89.25
_cell.angle_beta   89.89
_cell.angle_gamma   86.76
#
_symmetry.space_group_name_H-M   'P 1'
#
loop_
_entity.id
_entity.type
_entity.pdbx_description
1 polymer 'Speckle-type POZ protein'
2 polymer 'Pancreas/duodenum homeobox protein 1'
3 water water
#
loop_
_entity_poly.entity_id
_entity_poly.type
_entity_poly.pdbx_seq_one_letter_code
_entity_poly.pdbx_strand_id
1 'polypeptide(L)'
;GAMASGKVVKFSYMWTINNFSFCREEMGEVIKSSTFSSGANDKLKWCLRVNPKGLDEESKDYLSLYLLLVSCPKSEVRAK
FKFSILNAKGEETKAMESQRAYRFVQGKDWGFKKFIRRDFLLDEANGLLPDDKLTLFCEVSVVQD
;
A,B,C,D
2 'polypeptide(L)' EPEQDSAVTSGE E,F,G,H
#
# COMPACT_ATOMS: atom_id res chain seq x y z
N MET A 3 -7.34 -10.83 -8.57
CA MET A 3 -6.38 -10.99 -7.46
C MET A 3 -4.94 -10.88 -8.01
N ALA A 4 -4.35 -9.73 -7.76
CA ALA A 4 -2.90 -9.58 -7.85
C ALA A 4 -2.54 -8.66 -6.73
N SER A 5 -1.37 -8.90 -6.15
CA SER A 5 -0.84 -8.04 -5.10
C SER A 5 0.64 -7.81 -5.30
N GLY A 6 1.11 -6.62 -4.94
CA GLY A 6 2.58 -6.41 -4.94
C GLY A 6 3.10 -5.54 -3.85
N LYS A 7 4.42 -5.61 -3.63
CA LYS A 7 5.04 -4.74 -2.62
C LYS A 7 6.54 -4.55 -2.84
N VAL A 8 7.07 -3.47 -2.25
CA VAL A 8 8.50 -3.23 -2.26
C VAL A 8 9.13 -4.05 -1.15
N VAL A 9 10.01 -4.99 -1.56
CA VAL A 9 10.67 -5.91 -0.62
C VAL A 9 12.14 -5.61 -0.37
N LYS A 10 12.74 -4.76 -1.19
CA LYS A 10 14.11 -4.37 -0.97
C LYS A 10 14.30 -2.96 -1.55
N PHE A 11 15.08 -2.14 -0.88
CA PHE A 11 15.19 -0.72 -1.16
C PHE A 11 16.48 -0.13 -0.56
N SER A 12 16.99 0.92 -1.19
CA SER A 12 18.13 1.73 -0.73
C SER A 12 17.75 3.17 -0.56
N TYR A 13 18.03 3.67 0.62
CA TYR A 13 17.73 5.05 1.06
C TYR A 13 19.04 5.80 1.08
N MET A 14 19.12 6.94 0.40
CA MET A 14 20.28 7.82 0.36
C MET A 14 19.98 8.99 1.29
N TRP A 15 20.81 9.17 2.32
CA TRP A 15 20.68 10.27 3.29
C TRP A 15 21.92 11.14 3.24
N THR A 16 21.71 12.43 3.01
CA THR A 16 22.78 13.41 3.04
C THR A 16 22.60 14.33 4.25
N ILE A 17 23.67 14.49 5.02
CA ILE A 17 23.69 15.39 6.18
C ILE A 17 24.57 16.56 5.74
N ASN A 18 23.96 17.73 5.57
CA ASN A 18 24.68 18.94 5.18
C ASN A 18 25.41 19.59 6.35
N ASN A 19 26.59 20.13 6.07
CA ASN A 19 27.40 20.85 7.06
C ASN A 19 27.73 19.96 8.26
N PHE A 20 28.40 18.83 7.93
CA PHE A 20 28.66 17.78 8.92
C PHE A 20 29.58 18.25 10.06
N SER A 21 30.59 19.05 9.72
CA SER A 21 31.47 19.71 10.70
C SER A 21 30.68 20.55 11.70
N PHE A 22 29.99 21.58 11.19
CA PHE A 22 29.24 22.52 12.03
C PHE A 22 27.96 21.91 12.63
N CYS A 23 27.92 20.59 12.86
CA CYS A 23 26.77 19.94 13.51
C CYS A 23 26.89 20.17 15.02
N ARG A 24 25.78 20.54 15.64
CA ARG A 24 25.75 20.85 17.08
C ARG A 24 25.81 19.62 18.01
N GLU A 25 25.63 18.40 17.50
CA GLU A 25 25.52 17.24 18.39
C GLU A 25 26.90 16.77 18.92
N GLU A 26 26.92 16.34 20.19
CA GLU A 26 28.07 15.76 20.89
C GLU A 26 27.80 14.28 21.12
N MET A 27 28.70 13.58 21.84
CA MET A 27 28.49 12.18 22.25
C MET A 27 27.11 11.96 22.83
N GLY A 28 26.44 10.89 22.36
CA GLY A 28 25.14 10.48 22.86
C GLY A 28 23.93 11.24 22.31
N GLU A 29 24.16 12.23 21.45
CA GLU A 29 23.07 12.98 20.81
C GLU A 29 22.85 12.48 19.39
N VAL A 30 21.57 12.51 18.97
CA VAL A 30 21.06 11.82 17.75
C VAL A 30 20.61 12.74 16.63
N ILE A 31 20.75 12.26 15.40
CA ILE A 31 20.08 12.82 14.23
C ILE A 31 19.23 11.69 13.64
N LYS A 32 17.94 12.00 13.44
CA LYS A 32 16.97 11.11 12.83
C LYS A 32 16.77 11.57 11.38
N SER A 33 16.70 10.64 10.43
CA SER A 33 16.34 10.97 9.04
C SER A 33 14.81 11.09 8.94
N SER A 34 14.31 11.59 7.81
CA SER A 34 12.90 11.43 7.50
C SER A 34 12.50 9.95 7.41
N THR A 35 11.19 9.73 7.55
CA THR A 35 10.60 8.39 7.39
C THR A 35 10.50 7.92 5.90
N PHE A 36 10.81 6.65 5.67
CA PHE A 36 10.65 6.01 4.34
C PHE A 36 9.89 4.70 4.49
N SER A 37 9.10 4.37 3.46
CA SER A 37 8.16 3.22 3.45
C SER A 37 8.55 2.10 2.54
N SER A 38 8.05 0.92 2.90
CA SER A 38 8.19 -0.26 2.10
C SER A 38 7.01 -1.15 2.42
N GLY A 39 6.90 -2.25 1.72
CA GLY A 39 6.18 -3.44 2.20
C GLY A 39 4.71 -3.36 1.85
N ALA A 40 3.94 -4.36 2.28
CA ALA A 40 2.51 -4.41 1.90
C ALA A 40 1.80 -3.13 2.32
N ASN A 41 1.12 -2.52 1.35
CA ASN A 41 0.29 -1.33 1.57
C ASN A 41 1.13 -0.11 1.99
N ASP A 42 2.46 -0.16 1.79
CA ASP A 42 3.34 0.96 2.16
C ASP A 42 3.32 1.29 3.67
N LYS A 43 3.07 0.28 4.49
CA LYS A 43 2.87 0.45 5.95
C LYS A 43 4.05 0.09 6.80
N LEU A 44 5.14 -0.45 6.23
CA LEU A 44 6.40 -0.51 7.00
C LEU A 44 7.05 0.84 6.97
N LYS A 45 7.27 1.47 8.14
CA LYS A 45 7.83 2.82 8.22
C LYS A 45 9.20 2.79 8.95
N TRP A 46 10.22 3.35 8.29
CA TRP A 46 11.58 3.19 8.73
C TRP A 46 12.21 4.52 8.87
N CYS A 47 13.23 4.62 9.70
CA CYS A 47 14.16 5.75 9.53
C CYS A 47 15.58 5.38 9.96
N LEU A 48 16.52 6.27 9.63
CA LEU A 48 17.89 6.16 10.10
C LEU A 48 18.16 7.04 11.31
N ARG A 49 19.00 6.55 12.19
CA ARG A 49 19.46 7.24 13.41
C ARG A 49 20.98 7.23 13.37
N VAL A 50 21.60 8.41 13.34
CA VAL A 50 23.03 8.50 13.47
C VAL A 50 23.37 9.17 14.80
N ASN A 51 24.46 8.75 15.44
CA ASN A 51 25.12 9.52 16.53
C ASN A 51 26.48 10.02 16.00
N PRO A 52 26.59 11.30 15.64
CA PRO A 52 27.78 11.90 14.97
C PRO A 52 29.09 11.78 15.73
N LYS A 53 28.99 11.84 17.06
CA LYS A 53 30.16 11.81 17.95
C LYS A 53 30.00 10.68 18.93
N GLY A 54 29.41 9.60 18.44
CA GLY A 54 29.35 8.36 19.16
C GLY A 54 28.15 8.39 20.03
N LEU A 55 27.84 7.21 20.56
CA LEU A 55 26.76 6.97 21.51
C LEU A 55 27.28 7.10 22.95
N ASP A 56 28.29 6.29 23.28
CA ASP A 56 28.78 6.09 24.66
C ASP A 56 30.33 6.02 24.72
N GLU A 57 30.88 5.49 25.83
CA GLU A 57 32.32 5.45 26.09
C GLU A 57 33.09 4.54 25.14
N GLU A 58 32.58 3.34 24.95
CA GLU A 58 33.14 2.42 23.97
C GLU A 58 33.19 3.09 22.55
N SER A 59 32.24 3.96 22.21
CA SER A 59 32.13 4.49 20.85
C SER A 59 32.35 5.99 20.69
N LYS A 60 32.89 6.63 21.71
CA LYS A 60 33.25 8.06 21.68
C LYS A 60 34.03 8.54 20.45
N ASP A 61 34.94 7.72 19.93
CA ASP A 61 35.72 8.11 18.74
C ASP A 61 35.02 7.80 17.37
N TYR A 62 33.75 7.37 17.42
CA TYR A 62 33.05 6.86 16.23
C TYR A 62 31.73 7.58 15.99
N LEU A 63 31.28 7.51 14.73
CA LEU A 63 29.89 7.72 14.35
C LEU A 63 29.15 6.38 14.49
N SER A 64 27.96 6.44 15.08
CA SER A 64 27.14 5.25 15.30
C SER A 64 25.99 5.37 14.33
N LEU A 65 25.58 4.26 13.74
CA LEU A 65 24.57 4.29 12.66
C LEU A 65 23.59 3.17 12.81
N TYR A 66 22.32 3.52 12.90
CA TYR A 66 21.24 2.54 13.11
C TYR A 66 20.07 2.65 12.13
N LEU A 67 19.48 1.52 11.80
CA LEU A 67 18.20 1.46 11.12
C LEU A 67 17.09 1.28 12.16
N LEU A 68 16.08 2.17 12.14
CA LEU A 68 14.94 2.11 13.07
C LEU A 68 13.64 1.72 12.32
N LEU A 69 12.94 0.70 12.83
CA LEU A 69 11.56 0.41 12.44
C LEU A 69 10.61 1.30 13.29
N VAL A 70 10.07 2.34 12.70
CA VAL A 70 9.19 3.28 13.40
C VAL A 70 7.85 2.61 13.67
N SER A 71 7.26 2.07 12.62
CA SER A 71 5.96 1.43 12.72
C SER A 71 5.75 0.27 11.74
N CYS A 72 4.91 -0.69 12.14
CA CYS A 72 4.54 -1.81 11.28
C CYS A 72 3.24 -2.44 11.77
N PRO A 73 2.50 -3.10 10.88
CA PRO A 73 1.21 -3.63 11.29
C PRO A 73 1.22 -4.94 12.06
N LYS A 74 2.17 -5.84 11.75
CA LYS A 74 2.23 -7.13 12.44
C LYS A 74 3.18 -7.00 13.59
N SER A 75 3.47 -8.09 14.30
CA SER A 75 4.29 -7.96 15.51
C SER A 75 5.77 -7.76 15.18
N GLU A 76 6.20 -8.17 14.00
CA GLU A 76 7.63 -8.10 13.68
C GLU A 76 7.89 -7.94 12.19
N VAL A 77 9.09 -7.47 11.87
CA VAL A 77 9.61 -7.47 10.49
C VAL A 77 11.00 -8.12 10.63
N ARG A 78 11.30 -9.11 9.82
CA ARG A 78 12.69 -9.67 9.74
C ARG A 78 13.36 -9.06 8.52
N ALA A 79 14.49 -8.37 8.74
CA ALA A 79 15.18 -7.70 7.65
C ALA A 79 16.70 -7.82 7.77
N LYS A 80 17.34 -7.95 6.63
CA LYS A 80 18.81 -7.71 6.52
C LYS A 80 19.04 -6.27 6.17
N PHE A 81 20.21 -5.74 6.55
CA PHE A 81 20.57 -4.37 6.22
C PHE A 81 22.07 -4.18 5.91
N LYS A 82 22.37 -3.14 5.17
CA LYS A 82 23.75 -2.76 4.84
C LYS A 82 23.90 -1.24 4.79
N PHE A 83 24.91 -0.72 5.48
CA PHE A 83 25.23 0.72 5.49
C PHE A 83 26.52 1.00 4.76
N SER A 84 26.54 2.10 3.99
CA SER A 84 27.73 2.47 3.22
C SER A 84 27.86 3.97 3.07
N ILE A 85 28.98 4.43 2.54
CA ILE A 85 29.19 5.87 2.39
C ILE A 85 29.45 6.19 0.92
N LEU A 86 28.94 7.32 0.45
CA LEU A 86 29.21 7.75 -0.91
C LEU A 86 30.38 8.71 -0.85
N ASN A 87 31.49 8.29 -1.43
CA ASN A 87 32.70 9.11 -1.51
C ASN A 87 32.60 10.15 -2.62
N ALA A 88 33.57 11.06 -2.67
CA ALA A 88 33.50 12.20 -3.61
C ALA A 88 33.65 11.78 -5.07
N LYS A 89 34.38 10.69 -5.32
CA LYS A 89 34.44 10.08 -6.67
C LYS A 89 33.16 9.31 -7.06
N GLY A 90 32.09 9.45 -6.27
CA GLY A 90 30.76 8.92 -6.62
C GLY A 90 30.51 7.44 -6.34
N GLU A 91 31.43 6.75 -5.65
CA GLU A 91 31.28 5.32 -5.36
C GLU A 91 30.92 5.02 -3.91
N GLU A 92 30.31 3.86 -3.72
CA GLU A 92 30.00 3.30 -2.43
C GLU A 92 31.28 2.78 -1.78
N THR A 93 31.55 3.18 -0.54
CA THR A 93 32.65 2.61 0.22
C THR A 93 32.24 2.31 1.66
N LYS A 94 33.18 1.67 2.36
CA LYS A 94 33.12 1.37 3.79
C LYS A 94 31.83 0.62 4.16
N ALA A 95 31.44 -0.31 3.29
CA ALA A 95 30.20 -1.00 3.45
C ALA A 95 30.31 -2.06 4.51
N MET A 96 29.28 -2.08 5.34
CA MET A 96 29.10 -3.13 6.30
C MET A 96 27.64 -3.57 6.31
N GLU A 97 27.47 -4.89 6.26
CA GLU A 97 26.17 -5.51 6.29
C GLU A 97 25.97 -6.34 7.54
N SER A 98 24.70 -6.49 7.88
CA SER A 98 24.23 -7.45 8.83
C SER A 98 24.31 -8.58 7.90
N GLN A 99 24.63 -9.72 8.37
CA GLN A 99 24.88 -10.75 7.33
C GLN A 99 23.63 -11.62 7.20
N ARG A 100 22.97 -11.81 8.34
CA ARG A 100 21.66 -12.43 8.41
C ARG A 100 20.60 -11.37 8.68
N ALA A 101 19.35 -11.80 8.61
CA ALA A 101 18.18 -10.98 8.97
C ALA A 101 18.12 -10.78 10.45
N TYR A 102 17.74 -9.57 10.88
CA TYR A 102 17.47 -9.22 12.28
C TYR A 102 15.96 -9.03 12.45
N ARG A 103 15.51 -9.33 13.69
CA ARG A 103 14.07 -9.20 14.08
C ARG A 103 13.81 -7.79 14.58
N PHE A 104 13.00 -7.04 13.84
CA PHE A 104 12.63 -5.67 14.17
C PHE A 104 11.21 -5.61 14.73
N VAL A 105 11.03 -4.92 15.83
CA VAL A 105 9.65 -4.56 16.26
C VAL A 105 9.52 -3.08 16.21
N GLN A 106 8.28 -2.66 16.24
CA GLN A 106 7.98 -1.25 16.21
C GLN A 106 8.72 -0.55 17.33
N GLY A 107 9.43 0.51 17.00
CA GLY A 107 10.31 1.17 17.97
C GLY A 107 11.69 0.55 18.17
N LYS A 108 12.00 -0.58 17.54
CA LYS A 108 13.34 -1.20 17.73
C LYS A 108 14.29 -0.79 16.61
N ASP A 109 15.54 -0.46 16.97
CA ASP A 109 16.60 -0.28 15.98
C ASP A 109 17.71 -1.35 16.09
N TRP A 110 18.44 -1.53 14.99
CA TRP A 110 19.63 -2.38 14.91
C TRP A 110 20.67 -1.65 14.03
N GLY A 111 21.93 -1.77 14.37
CA GLY A 111 22.98 -1.01 13.68
C GLY A 111 24.39 -1.12 14.27
N PHE A 112 25.25 -0.21 13.86
CA PHE A 112 26.68 -0.34 14.14
C PHE A 112 27.08 0.85 15.03
N LYS A 113 27.28 0.56 16.32
CA LYS A 113 27.69 1.59 17.26
C LYS A 113 29.03 2.22 16.87
N LYS A 114 29.91 1.39 16.32
CA LYS A 114 31.21 1.81 15.82
C LYS A 114 31.28 1.71 14.28
N PHE A 115 30.45 2.49 13.57
CA PHE A 115 30.33 2.34 12.11
C PHE A 115 31.58 2.81 11.39
N ILE A 116 32.07 3.98 11.80
CA ILE A 116 33.33 4.49 11.30
C ILE A 116 33.95 5.55 12.23
N ARG A 117 35.29 5.51 12.33
CA ARG A 117 36.06 6.48 13.11
C ARG A 117 35.90 7.89 12.63
N ARG A 118 35.64 8.80 13.56
CA ARG A 118 35.47 10.23 13.21
C ARG A 118 36.73 10.81 12.54
N ASP A 119 37.91 10.48 13.05
CA ASP A 119 39.13 11.01 12.42
C ASP A 119 39.34 10.50 10.98
N PHE A 120 38.98 9.23 10.70
CA PHE A 120 39.00 8.73 9.32
C PHE A 120 38.05 9.57 8.44
N LEU A 121 36.87 9.79 8.97
CA LEU A 121 35.82 10.52 8.28
C LEU A 121 36.22 11.96 8.02
N LEU A 122 36.83 12.58 9.03
CA LEU A 122 37.33 13.96 8.95
C LEU A 122 38.68 14.14 8.23
N ASP A 123 39.46 13.07 8.05
CA ASP A 123 40.71 13.12 7.24
C ASP A 123 40.34 13.31 5.79
N GLU A 124 40.75 14.44 5.22
CA GLU A 124 40.33 14.76 3.85
C GLU A 124 41.11 14.00 2.74
N ALA A 125 42.02 13.09 3.08
CA ALA A 125 42.54 12.14 2.07
C ALA A 125 41.59 10.94 1.82
N ASN A 126 40.48 10.84 2.55
CA ASN A 126 39.51 9.75 2.32
C ASN A 126 38.27 10.20 1.50
N GLY A 127 38.15 11.48 1.15
CA GLY A 127 37.07 11.95 0.27
C GLY A 127 35.62 11.70 0.71
N LEU A 128 35.45 11.37 2.00
CA LEU A 128 34.17 10.93 2.53
CA LEU A 128 34.17 10.93 2.53
C LEU A 128 33.31 12.10 2.95
N LEU A 129 33.88 13.31 2.95
CA LEU A 129 33.10 14.51 3.35
C LEU A 129 33.19 15.65 2.34
N PRO A 130 33.03 15.33 1.04
CA PRO A 130 33.20 16.37 0.01
C PRO A 130 32.24 17.52 0.24
N ASP A 131 32.75 18.75 0.17
CA ASP A 131 31.97 19.96 0.47
C ASP A 131 31.30 19.92 1.84
N ASP A 132 31.92 19.18 2.77
CA ASP A 132 31.40 18.97 4.13
C ASP A 132 29.99 18.32 4.16
N LYS A 133 29.65 17.58 3.12
CA LYS A 133 28.37 16.85 3.06
C LYS A 133 28.73 15.39 3.27
N LEU A 134 28.06 14.70 4.21
CA LEU A 134 28.17 13.24 4.45
C LEU A 134 26.97 12.48 3.81
N THR A 135 27.23 11.65 2.80
CA THR A 135 26.16 10.94 2.11
C THR A 135 26.24 9.50 2.50
N LEU A 136 25.20 9.06 3.21
CA LEU A 136 25.04 7.66 3.63
C LEU A 136 24.01 6.91 2.80
N PHE A 137 24.23 5.60 2.61
CA PHE A 137 23.33 4.68 1.91
CA PHE A 137 23.25 4.71 1.95
C PHE A 137 22.93 3.58 2.90
N CYS A 138 21.64 3.19 2.91
CA CYS A 138 21.15 2.06 3.68
C CYS A 138 20.29 1.18 2.75
N GLU A 139 20.78 -0.04 2.45
CA GLU A 139 20.05 -1.01 1.66
C GLU A 139 19.41 -1.93 2.65
N VAL A 140 18.10 -2.14 2.50
CA VAL A 140 17.29 -2.91 3.41
C VAL A 140 16.64 -4.00 2.56
N SER A 141 16.68 -5.22 3.07
CA SER A 141 16.13 -6.35 2.37
C SER A 141 15.19 -7.10 3.34
N VAL A 142 13.87 -7.03 3.10
CA VAL A 142 12.91 -7.60 4.00
C VAL A 142 12.55 -9.06 3.70
N VAL A 143 12.68 -9.92 4.71
CA VAL A 143 12.38 -11.37 4.61
C VAL A 143 10.90 -11.66 4.38
N GLN A 144 10.63 -12.51 3.36
CA GLN A 144 9.26 -12.82 2.87
C GLN A 144 8.74 -14.19 3.32
N MET B 3 19.51 21.21 6.22
CA MET B 3 20.04 20.43 7.39
C MET B 3 20.39 19.01 6.94
N ALA B 4 19.36 18.25 6.56
CA ALA B 4 19.53 16.92 5.97
C ALA B 4 18.28 16.51 5.20
N SER B 5 18.45 15.58 4.26
CA SER B 5 17.37 15.18 3.34
C SER B 5 17.71 13.84 2.75
N GLY B 6 16.68 13.05 2.52
CA GLY B 6 16.87 11.72 2.02
C GLY B 6 15.79 11.19 1.12
N LYS B 7 16.10 10.07 0.51
CA LYS B 7 15.36 9.57 -0.66
C LYS B 7 15.60 8.10 -0.90
N VAL B 8 14.56 7.33 -1.20
CA VAL B 8 14.73 5.97 -1.75
C VAL B 8 15.09 6.14 -3.24
N VAL B 9 16.28 5.64 -3.60
CA VAL B 9 16.84 5.74 -4.95
C VAL B 9 16.98 4.38 -5.69
N LYS B 10 16.88 3.29 -4.97
CA LYS B 10 16.78 1.97 -5.60
C LYS B 10 15.73 1.19 -4.84
N PHE B 11 14.96 0.41 -5.56
CA PHE B 11 13.87 -0.37 -4.98
C PHE B 11 13.55 -1.58 -5.89
N SER B 12 13.14 -2.69 -5.27
CA SER B 12 12.72 -3.92 -5.96
C SER B 12 11.25 -4.24 -5.56
N TYR B 13 10.40 -4.34 -6.57
CA TYR B 13 8.97 -4.59 -6.42
C TYR B 13 8.69 -6.00 -6.85
N MET B 14 8.00 -6.74 -5.98
CA MET B 14 7.58 -8.14 -6.22
C MET B 14 6.09 -8.12 -6.39
N TRP B 15 5.63 -8.70 -7.50
CA TRP B 15 4.24 -8.65 -7.93
C TRP B 15 3.77 -10.01 -8.34
N THR B 16 2.60 -10.36 -7.81
CA THR B 16 2.04 -11.70 -7.98
C THR B 16 0.70 -11.56 -8.61
N ILE B 17 0.55 -12.21 -9.76
CA ILE B 17 -0.71 -12.24 -10.49
C ILE B 17 -1.27 -13.63 -10.26
N ASN B 18 -2.40 -13.72 -9.53
CA ASN B 18 -3.11 -15.00 -9.35
C ASN B 18 -3.92 -15.37 -10.60
N ASN B 19 -4.09 -16.67 -10.84
CA ASN B 19 -4.92 -17.17 -11.94
C ASN B 19 -4.44 -16.68 -13.30
N PHE B 20 -3.20 -17.00 -13.64
CA PHE B 20 -2.56 -16.37 -14.78
C PHE B 20 -3.22 -16.75 -16.12
N SER B 21 -3.56 -18.04 -16.22
CA SER B 21 -4.23 -18.62 -17.40
C SER B 21 -5.42 -17.85 -17.95
N PHE B 22 -6.17 -17.16 -17.09
CA PHE B 22 -7.34 -16.39 -17.54
C PHE B 22 -7.43 -14.98 -16.93
N CYS B 23 -6.27 -14.39 -16.63
CA CYS B 23 -6.26 -13.00 -16.12
C CYS B 23 -6.69 -12.05 -17.23
N ARG B 24 -6.53 -12.47 -18.49
CA ARG B 24 -7.10 -11.76 -19.63
C ARG B 24 -8.61 -11.76 -19.54
N GLU B 25 -9.20 -12.90 -19.15
CA GLU B 25 -10.67 -12.98 -18.95
C GLU B 25 -11.15 -12.03 -17.85
N GLU B 26 -10.41 -11.97 -16.75
CA GLU B 26 -10.77 -11.15 -15.59
C GLU B 26 -10.53 -9.65 -15.77
N MET B 27 -9.43 -9.26 -16.43
CA MET B 27 -9.18 -7.82 -16.71
C MET B 27 -8.68 -7.45 -18.11
N GLY B 28 -8.92 -8.29 -19.12
CA GLY B 28 -8.60 -7.93 -20.50
C GLY B 28 -7.12 -7.82 -20.82
N GLU B 29 -6.84 -7.06 -21.87
CA GLU B 29 -5.56 -7.04 -22.58
C GLU B 29 -4.39 -6.45 -21.79
N VAL B 30 -4.67 -5.48 -20.93
CA VAL B 30 -3.64 -4.81 -20.12
C VAL B 30 -3.91 -5.10 -18.67
N ILE B 31 -2.83 -5.14 -17.88
CA ILE B 31 -2.97 -5.24 -16.44
C ILE B 31 -1.94 -4.30 -15.79
N LYS B 32 -2.42 -3.27 -15.09
CA LYS B 32 -1.56 -2.42 -14.25
C LYS B 32 -1.56 -2.95 -12.83
N SER B 33 -0.38 -2.98 -12.20
CA SER B 33 -0.22 -3.25 -10.76
C SER B 33 -0.73 -2.04 -9.95
N SER B 34 -0.85 -2.23 -8.65
CA SER B 34 -0.94 -1.11 -7.72
C SER B 34 0.35 -0.28 -7.72
N THR B 35 0.23 0.91 -7.16
CA THR B 35 1.24 1.96 -7.20
C THR B 35 2.29 1.63 -6.13
N PHE B 36 3.58 1.90 -6.41
CA PHE B 36 4.65 1.85 -5.38
C PHE B 36 5.45 3.11 -5.50
N SER B 37 6.08 3.52 -4.38
CA SER B 37 6.61 4.89 -4.23
C SER B 37 8.13 4.98 -4.03
N SER B 38 8.74 6.06 -4.50
CA SER B 38 10.17 6.30 -4.25
C SER B 38 10.40 7.81 -4.19
N GLY B 39 11.66 8.26 -4.16
CA GLY B 39 11.99 9.68 -4.36
C GLY B 39 11.81 10.55 -3.11
N ALA B 40 11.89 11.86 -3.32
CA ALA B 40 11.88 12.85 -2.23
C ALA B 40 10.49 12.88 -1.53
N ASN B 41 10.45 12.52 -0.23
CA ASN B 41 9.19 12.29 0.52
C ASN B 41 8.19 11.36 -0.19
N ASP B 42 8.62 10.13 -0.49
CA ASP B 42 7.81 9.16 -1.22
C ASP B 42 6.96 9.79 -2.38
N LYS B 43 7.53 10.70 -3.18
CA LYS B 43 6.77 11.40 -4.25
C LYS B 43 6.79 10.88 -5.70
N LEU B 44 7.71 9.98 -6.05
CA LEU B 44 7.59 9.30 -7.33
C LEU B 44 6.69 8.11 -7.09
N LYS B 45 5.70 7.91 -7.97
CA LYS B 45 4.78 6.75 -7.87
C LYS B 45 4.85 5.97 -9.18
N TRP B 46 5.05 4.66 -9.07
CA TRP B 46 5.31 3.80 -10.24
C TRP B 46 4.31 2.66 -10.28
N CYS B 47 4.16 2.04 -11.44
CA CYS B 47 3.55 0.69 -11.45
C CYS B 47 4.11 -0.19 -12.57
N LEU B 48 3.74 -1.46 -12.52
CA LEU B 48 4.04 -2.36 -13.60
C LEU B 48 2.81 -2.47 -14.45
N ARG B 49 3.09 -2.76 -15.71
CA ARG B 49 2.12 -2.89 -16.78
C ARG B 49 2.47 -4.14 -17.54
N VAL B 50 1.52 -5.08 -17.52
CA VAL B 50 1.66 -6.35 -18.19
C VAL B 50 0.61 -6.51 -19.30
N ASN B 51 1.08 -7.02 -20.44
CA ASN B 51 0.23 -7.57 -21.49
C ASN B 51 0.50 -9.08 -21.52
N PRO B 52 -0.39 -9.89 -20.93
CA PRO B 52 -0.11 -11.33 -20.88
C PRO B 52 0.06 -11.96 -22.25
N LYS B 53 -0.63 -11.42 -23.26
CA LYS B 53 -0.34 -11.68 -24.67
C LYS B 53 0.01 -10.35 -25.34
N GLY B 54 1.15 -10.32 -26.01
CA GLY B 54 1.57 -9.11 -26.71
C GLY B 54 0.54 -8.59 -27.71
N LEU B 55 0.58 -7.28 -27.94
CA LEU B 55 -0.48 -6.57 -28.64
C LEU B 55 -0.24 -6.36 -30.15
N ASP B 56 0.76 -7.03 -30.72
CA ASP B 56 0.98 -6.98 -32.15
C ASP B 56 1.40 -8.35 -32.64
N GLU B 57 1.64 -8.48 -33.94
CA GLU B 57 1.91 -9.79 -34.52
C GLU B 57 3.30 -10.32 -34.14
N GLU B 58 4.25 -9.43 -33.89
CA GLU B 58 5.58 -9.86 -33.48
C GLU B 58 5.59 -10.29 -32.02
N SER B 59 4.72 -9.68 -31.21
CA SER B 59 4.70 -9.99 -29.76
C SER B 59 3.55 -10.87 -29.28
N LYS B 60 2.63 -11.28 -30.17
CA LYS B 60 1.45 -12.13 -29.81
C LYS B 60 1.78 -13.41 -29.03
N ASP B 61 2.93 -14.01 -29.33
CA ASP B 61 3.44 -15.21 -28.65
C ASP B 61 4.16 -14.91 -27.31
N TYR B 62 4.13 -13.66 -26.85
CA TYR B 62 4.91 -13.27 -25.68
C TYR B 62 4.07 -12.60 -24.64
N LEU B 63 4.57 -12.63 -23.40
CA LEU B 63 4.16 -11.72 -22.38
C LEU B 63 5.01 -10.46 -22.48
N SER B 64 4.36 -9.29 -22.41
CA SER B 64 5.04 -8.01 -22.48
C SER B 64 5.04 -7.43 -21.09
N LEU B 65 6.16 -6.79 -20.75
CA LEU B 65 6.36 -6.29 -19.42
C LEU B 65 6.97 -4.90 -19.39
N TYR B 66 6.27 -3.95 -18.76
CA TYR B 66 6.75 -2.58 -18.67
C TYR B 66 6.73 -1.96 -17.28
N LEU B 67 7.62 -0.98 -17.09
CA LEU B 67 7.61 -0.10 -15.92
C LEU B 67 7.02 1.25 -16.31
N LEU B 68 6.02 1.69 -15.57
CA LEU B 68 5.29 2.96 -15.81
C LEU B 68 5.51 3.95 -14.69
N LEU B 69 5.86 5.18 -15.05
CA LEU B 69 5.90 6.23 -14.08
C LEU B 69 4.48 6.84 -14.11
N VAL B 70 3.79 6.73 -12.98
CA VAL B 70 2.40 7.16 -12.85
C VAL B 70 2.28 8.59 -12.33
N SER B 71 3.02 8.95 -11.29
CA SER B 71 2.98 10.31 -10.71
C SER B 71 4.41 10.83 -10.62
N CYS B 72 4.62 12.05 -11.08
CA CYS B 72 5.91 12.69 -10.98
C CYS B 72 5.77 14.22 -10.85
N PRO B 73 5.94 14.76 -9.61
CA PRO B 73 5.98 16.23 -9.43
C PRO B 73 7.15 16.89 -10.15
N LYS B 74 8.30 16.21 -10.18
CA LYS B 74 9.44 16.62 -10.99
C LYS B 74 9.16 16.71 -12.51
N SER B 75 10.06 17.36 -13.24
CA SER B 75 10.00 17.41 -14.71
C SER B 75 10.21 16.03 -15.37
N GLU B 76 11.22 15.30 -14.90
CA GLU B 76 11.56 13.99 -15.45
C GLU B 76 12.29 13.16 -14.41
N VAL B 77 12.49 11.87 -14.71
CA VAL B 77 13.47 11.04 -13.98
C VAL B 77 14.15 10.03 -14.89
N ARG B 78 15.45 9.84 -14.69
CA ARG B 78 16.25 8.82 -15.39
C ARG B 78 16.46 7.55 -14.52
N ALA B 79 16.04 6.40 -15.01
CA ALA B 79 16.22 5.15 -14.28
C ALA B 79 16.66 3.95 -15.14
N LYS B 80 17.48 3.09 -14.56
CA LYS B 80 17.81 1.76 -15.10
C LYS B 80 16.84 0.79 -14.48
N PHE B 81 16.48 -0.28 -15.18
CA PHE B 81 15.63 -1.30 -14.61
C PHE B 81 16.03 -2.71 -15.04
N LYS B 82 15.53 -3.66 -14.29
CA LYS B 82 15.69 -5.05 -14.53
C LYS B 82 14.42 -5.81 -14.15
N PHE B 83 13.99 -6.74 -14.99
CA PHE B 83 12.79 -7.57 -14.73
C PHE B 83 13.20 -9.03 -14.64
N SER B 84 12.57 -9.77 -13.73
CA SER B 84 12.84 -11.21 -13.61
C SER B 84 11.62 -11.94 -13.03
N ILE B 85 11.71 -13.26 -13.05
CA ILE B 85 10.61 -14.12 -12.62
C ILE B 85 11.01 -14.90 -11.39
N LEU B 86 10.08 -15.01 -10.44
CA LEU B 86 10.32 -15.83 -9.28
C LEU B 86 9.72 -17.19 -9.53
N ASN B 87 10.59 -18.19 -9.71
CA ASN B 87 10.19 -19.59 -9.82
C ASN B 87 9.78 -20.16 -8.43
N ALA B 88 9.07 -21.28 -8.47
CA ALA B 88 8.60 -21.98 -7.25
C ALA B 88 9.73 -22.44 -6.31
N LYS B 89 10.90 -22.77 -6.88
CA LYS B 89 12.11 -23.05 -6.08
C LYS B 89 12.57 -21.82 -5.25
N GLY B 90 12.20 -20.60 -5.70
CA GLY B 90 12.48 -19.35 -4.96
C GLY B 90 13.54 -18.46 -5.60
N GLU B 91 14.21 -18.94 -6.64
CA GLU B 91 15.28 -18.19 -7.29
C GLU B 91 14.76 -17.19 -8.30
N GLU B 92 15.56 -16.13 -8.53
CA GLU B 92 15.36 -15.29 -9.70
C GLU B 92 15.72 -16.10 -10.90
N THR B 93 14.89 -16.00 -11.93
CA THR B 93 15.28 -16.43 -13.26
C THR B 93 14.73 -15.49 -14.32
N LYS B 94 15.30 -15.66 -15.52
CA LYS B 94 14.89 -15.02 -16.76
C LYS B 94 15.10 -13.54 -16.77
N ALA B 95 16.14 -13.11 -16.07
CA ALA B 95 16.40 -11.70 -15.85
C ALA B 95 16.84 -11.02 -17.11
N MET B 96 16.27 -9.84 -17.37
CA MET B 96 16.74 -8.99 -18.43
C MET B 96 16.75 -7.56 -17.95
N GLU B 97 17.86 -6.87 -18.26
CA GLU B 97 18.08 -5.53 -17.76
C GLU B 97 18.20 -4.51 -18.88
N SER B 98 17.70 -3.32 -18.61
CA SER B 98 17.96 -2.19 -19.42
C SER B 98 19.37 -1.96 -19.00
N GLN B 99 20.25 -1.60 -19.88
CA GLN B 99 21.63 -1.46 -19.31
C GLN B 99 21.93 -0.05 -18.96
N ARG B 100 21.46 0.82 -19.83
CA ARG B 100 21.44 2.22 -19.58
C ARG B 100 20.14 2.63 -18.89
N ALA B 101 20.17 3.86 -18.42
CA ALA B 101 19.02 4.53 -17.88
C ALA B 101 18.20 4.99 -19.07
N TYR B 102 16.89 5.10 -18.84
CA TYR B 102 15.91 5.66 -19.81
C TYR B 102 15.24 6.82 -19.09
N ARG B 103 14.71 7.74 -19.87
CA ARG B 103 14.05 8.94 -19.38
C ARG B 103 12.56 8.72 -19.16
N PHE B 104 12.10 8.91 -17.93
CA PHE B 104 10.71 8.76 -17.64
C PHE B 104 10.15 10.16 -17.37
N VAL B 105 8.92 10.39 -17.83
CA VAL B 105 8.02 11.51 -17.34
C VAL B 105 6.68 10.94 -16.90
N GLN B 106 5.85 11.73 -16.20
CA GLN B 106 4.51 11.26 -15.78
C GLN B 106 3.79 10.65 -16.99
N GLY B 107 3.23 9.44 -16.84
CA GLY B 107 2.56 8.74 -17.98
C GLY B 107 3.40 7.90 -18.94
N LYS B 108 4.72 7.91 -18.81
CA LYS B 108 5.59 7.15 -19.71
C LYS B 108 6.07 5.81 -19.15
N ASP B 109 6.15 4.81 -20.03
CA ASP B 109 6.73 3.52 -19.68
C ASP B 109 7.85 3.09 -20.63
N TRP B 110 8.56 2.06 -20.19
CA TRP B 110 9.66 1.44 -20.88
C TRP B 110 9.70 -0.01 -20.42
N GLY B 111 9.99 -0.91 -21.32
CA GLY B 111 10.27 -2.30 -20.97
C GLY B 111 10.32 -3.20 -22.18
N PHE B 112 9.96 -4.45 -21.98
CA PHE B 112 10.30 -5.52 -22.91
C PHE B 112 9.01 -6.01 -23.53
N LYS B 113 8.80 -5.68 -24.81
CA LYS B 113 7.64 -6.16 -25.54
C LYS B 113 7.64 -7.69 -25.68
N LYS B 114 8.82 -8.32 -25.76
CA LYS B 114 8.95 -9.78 -25.82
C LYS B 114 9.72 -10.32 -24.59
N PHE B 115 9.13 -10.16 -23.41
CA PHE B 115 9.84 -10.58 -22.20
C PHE B 115 10.07 -12.11 -22.06
N ILE B 116 9.02 -12.91 -22.19
CA ILE B 116 9.15 -14.34 -22.29
C ILE B 116 7.99 -14.98 -23.13
N ARG B 117 8.27 -16.14 -23.72
CA ARG B 117 7.30 -16.89 -24.53
C ARG B 117 6.17 -17.45 -23.67
N ARG B 118 4.94 -17.20 -24.07
CA ARG B 118 3.80 -17.77 -23.33
C ARG B 118 3.85 -19.32 -23.27
N ASP B 119 4.25 -19.98 -24.36
CA ASP B 119 4.40 -21.45 -24.35
C ASP B 119 5.38 -21.98 -23.26
N PHE B 120 6.50 -21.30 -23.01
CA PHE B 120 7.45 -21.70 -21.93
C PHE B 120 6.85 -21.43 -20.53
N LEU B 121 6.36 -20.21 -20.37
CA LEU B 121 5.77 -19.80 -19.10
C LEU B 121 4.61 -20.72 -18.65
N LEU B 122 3.64 -20.93 -19.53
CA LEU B 122 2.38 -21.70 -19.22
C LEU B 122 2.61 -23.19 -18.93
N ASP B 123 3.60 -23.77 -19.61
CA ASP B 123 4.14 -25.09 -19.25
C ASP B 123 4.64 -25.12 -17.80
N GLU B 124 3.82 -25.67 -16.90
CA GLU B 124 4.09 -25.64 -15.45
C GLU B 124 5.24 -26.55 -14.94
N ALA B 125 5.73 -27.46 -15.80
CA ALA B 125 6.95 -28.25 -15.50
C ALA B 125 8.21 -27.36 -15.37
N ASN B 126 8.19 -26.22 -16.07
CA ASN B 126 9.25 -25.19 -15.98
C ASN B 126 9.36 -24.42 -14.65
N GLY B 127 8.41 -24.61 -13.75
CA GLY B 127 8.49 -24.02 -12.42
C GLY B 127 8.21 -22.53 -12.27
N LEU B 128 7.70 -21.86 -13.32
CA LEU B 128 7.44 -20.41 -13.31
CA LEU B 128 7.44 -20.41 -13.31
C LEU B 128 5.98 -20.05 -12.95
N LEU B 129 5.08 -21.03 -12.94
CA LEU B 129 3.67 -20.77 -12.57
C LEU B 129 3.16 -21.76 -11.51
N PRO B 130 3.80 -21.77 -10.33
CA PRO B 130 3.26 -22.59 -9.22
C PRO B 130 1.83 -22.19 -8.78
N ASP B 131 0.87 -23.11 -8.97
CA ASP B 131 -0.54 -22.89 -8.64
C ASP B 131 -1.15 -21.74 -9.47
N ASP B 132 -0.78 -21.66 -10.75
CA ASP B 132 -1.26 -20.62 -11.66
C ASP B 132 -1.07 -19.17 -11.18
N LYS B 133 0.01 -18.95 -10.42
CA LYS B 133 0.44 -17.65 -9.91
C LYS B 133 1.78 -17.30 -10.57
N LEU B 134 1.85 -16.12 -11.19
CA LEU B 134 3.10 -15.63 -11.76
C LEU B 134 3.67 -14.60 -10.80
N THR B 135 4.93 -14.72 -10.47
CA THR B 135 5.56 -13.75 -9.57
C THR B 135 6.70 -13.03 -10.25
N LEU B 136 6.51 -11.73 -10.43
CA LEU B 136 7.46 -10.85 -11.15
C LEU B 136 8.24 -9.99 -10.17
N PHE B 137 9.51 -9.73 -10.55
CA PHE B 137 10.43 -8.91 -9.78
CA PHE B 137 10.48 -8.92 -9.80
C PHE B 137 10.95 -7.79 -10.70
N CYS B 138 10.81 -6.55 -10.26
CA CYS B 138 11.31 -5.40 -11.02
C CYS B 138 12.24 -4.59 -10.10
N GLU B 139 13.54 -4.58 -10.40
CA GLU B 139 14.50 -3.73 -9.69
C GLU B 139 14.83 -2.48 -10.48
N VAL B 140 14.81 -1.36 -9.77
CA VAL B 140 14.91 -0.02 -10.35
C VAL B 140 16.03 0.74 -9.63
N SER B 141 16.77 1.53 -10.38
CA SER B 141 17.83 2.34 -9.83
C SER B 141 17.74 3.71 -10.49
N VAL B 142 17.37 4.73 -9.71
CA VAL B 142 17.13 6.05 -10.28
C VAL B 142 18.42 6.89 -10.29
N VAL B 143 18.82 7.37 -11.46
CA VAL B 143 20.09 8.14 -11.62
C VAL B 143 19.95 9.53 -10.96
N GLN B 144 21.01 9.97 -10.26
CA GLN B 144 20.97 11.15 -9.36
C GLN B 144 21.66 12.42 -9.90
N MET C 3 -12.77 18.46 41.62
CA MET C 3 -11.91 17.70 42.59
C MET C 3 -10.94 16.78 41.82
N ALA C 4 -11.51 15.94 40.96
CA ALA C 4 -10.79 14.79 40.42
C ALA C 4 -11.75 13.97 39.54
N SER C 5 -11.25 13.60 38.36
CA SER C 5 -11.97 12.71 37.46
C SER C 5 -11.01 11.74 36.80
N GLY C 6 -11.55 10.58 36.47
CA GLY C 6 -10.78 9.55 35.81
C GLY C 6 -11.62 8.82 34.82
N LYS C 7 -10.92 8.10 33.95
CA LYS C 7 -11.57 7.25 32.96
C LYS C 7 -10.61 6.19 32.40
N VAL C 8 -11.21 5.10 31.94
CA VAL C 8 -10.48 4.08 31.14
C VAL C 8 -10.18 4.59 29.72
N VAL C 9 -8.88 4.74 29.40
CA VAL C 9 -8.46 5.26 28.10
C VAL C 9 -7.93 4.22 27.17
N LYS C 10 -7.64 3.05 27.71
CA LYS C 10 -7.12 1.94 26.94
C LYS C 10 -7.62 0.66 27.60
N PHE C 11 -7.97 -0.32 26.78
CA PHE C 11 -8.46 -1.58 27.31
C PHE C 11 -8.29 -2.76 26.28
N SER C 12 -8.30 -3.99 26.79
CA SER C 12 -8.29 -5.14 25.94
C SER C 12 -9.50 -5.97 26.26
N TYR C 13 -10.28 -6.24 25.20
CA TYR C 13 -11.47 -7.11 25.32
C TYR C 13 -11.18 -8.48 24.78
N MET C 14 -11.59 -9.49 25.53
CA MET C 14 -11.34 -10.89 25.19
C MET C 14 -12.68 -11.56 24.86
N TRP C 15 -12.83 -11.96 23.60
CA TRP C 15 -14.04 -12.61 23.09
C TRP C 15 -13.77 -14.04 22.65
N THR C 16 -14.56 -14.97 23.22
CA THR C 16 -14.56 -16.38 22.87
C THR C 16 -15.86 -16.76 22.10
N ILE C 17 -15.71 -17.26 20.87
CA ILE C 17 -16.82 -17.82 20.08
C ILE C 17 -16.68 -19.34 20.19
N ASN C 18 -17.63 -19.93 20.91
CA ASN C 18 -17.60 -21.39 21.11
C ASN C 18 -18.12 -22.15 19.86
N ASN C 19 -17.65 -23.39 19.68
CA ASN C 19 -18.00 -24.25 18.52
C ASN C 19 -17.99 -23.51 17.19
N PHE C 20 -16.78 -23.10 16.84
CA PHE C 20 -16.55 -22.18 15.76
C PHE C 20 -16.83 -22.85 14.41
N SER C 21 -16.27 -24.04 14.21
CA SER C 21 -16.48 -24.85 12.99
C SER C 21 -17.95 -24.98 12.59
N PHE C 22 -18.85 -25.13 13.58
CA PHE C 22 -20.29 -25.30 13.36
C PHE C 22 -21.06 -23.99 13.16
N CYS C 23 -20.38 -22.85 13.04
CA CYS C 23 -21.08 -21.60 12.78
C CYS C 23 -21.87 -21.73 11.47
N ARG C 24 -23.17 -21.47 11.56
CA ARG C 24 -24.05 -21.51 10.40
C ARG C 24 -23.87 -20.28 9.50
N GLU C 25 -23.21 -19.25 10.00
CA GLU C 25 -22.97 -18.04 9.21
C GLU C 25 -22.22 -18.32 7.90
N GLU C 26 -22.79 -17.84 6.80
CA GLU C 26 -22.19 -17.93 5.47
C GLU C 26 -21.56 -16.58 5.14
N MET C 27 -20.93 -16.51 3.98
CA MET C 27 -20.28 -15.28 3.54
C MET C 27 -21.27 -14.12 3.54
N GLY C 28 -20.85 -12.98 4.10
CA GLY C 28 -21.67 -11.76 4.19
C GLY C 28 -22.45 -11.61 5.49
N GLU C 29 -22.62 -12.69 6.23
CA GLU C 29 -23.32 -12.69 7.50
C GLU C 29 -22.33 -12.37 8.63
N VAL C 30 -22.83 -11.67 9.64
CA VAL C 30 -22.05 -11.11 10.75
C VAL C 30 -22.38 -11.77 12.08
N ILE C 31 -21.37 -12.01 12.92
CA ILE C 31 -21.53 -12.30 14.37
C ILE C 31 -21.06 -11.07 15.18
N LYS C 32 -21.74 -10.78 16.28
CA LYS C 32 -21.54 -9.53 17.03
C LYS C 32 -21.19 -9.94 18.47
N SER C 33 -20.23 -9.26 19.11
CA SER C 33 -19.96 -9.47 20.55
C SER C 33 -21.01 -8.73 21.35
N SER C 34 -21.03 -8.95 22.66
CA SER C 34 -21.67 -7.96 23.51
C SER C 34 -20.97 -6.59 23.49
N THR C 35 -21.71 -5.62 23.97
CA THR C 35 -21.26 -4.27 24.09
C THR C 35 -20.26 -4.19 25.27
N PHE C 36 -19.16 -3.47 25.05
CA PHE C 36 -18.26 -3.14 26.14
C PHE C 36 -18.05 -1.63 26.08
N SER C 37 -17.74 -1.04 27.23
CA SER C 37 -17.72 0.40 27.33
C SER C 37 -16.39 0.94 27.90
N SER C 38 -16.09 2.19 27.64
CA SER C 38 -14.88 2.83 28.14
C SER C 38 -15.16 4.30 28.22
N GLY C 39 -14.15 5.06 28.61
CA GLY C 39 -14.14 6.51 28.42
C GLY C 39 -14.83 7.26 29.54
N ALA C 40 -14.93 8.57 29.37
CA ALA C 40 -15.55 9.46 30.42
C ALA C 40 -17.01 9.11 30.67
N ASN C 41 -17.35 8.93 31.96
CA ASN C 41 -18.68 8.53 32.44
C ASN C 41 -19.07 7.17 31.87
N ASP C 42 -18.07 6.46 31.33
CA ASP C 42 -18.26 5.11 30.79
C ASP C 42 -19.25 5.05 29.60
N LYS C 43 -19.22 6.08 28.74
CA LYS C 43 -20.25 6.31 27.70
C LYS C 43 -19.84 5.91 26.30
N LEU C 44 -18.55 5.66 26.05
CA LEU C 44 -18.15 5.08 24.77
C LEU C 44 -18.58 3.63 24.75
N LYS C 45 -19.44 3.24 23.80
CA LYS C 45 -19.95 1.87 23.72
C LYS C 45 -19.42 1.22 22.45
N TRP C 46 -18.88 0.01 22.59
CA TRP C 46 -18.22 -0.67 21.52
C TRP C 46 -18.76 -2.07 21.37
N CYS C 47 -18.58 -2.63 20.18
CA CYS C 47 -18.60 -4.10 20.03
C CYS C 47 -17.71 -4.58 18.85
N LEU C 48 -17.51 -5.90 18.80
CA LEU C 48 -16.76 -6.56 17.71
C LEU C 48 -17.73 -7.18 16.72
N ARG C 49 -17.37 -7.15 15.44
CA ARG C 49 -18.11 -7.87 14.36
C ARG C 49 -17.14 -8.82 13.69
N VAL C 50 -17.55 -10.06 13.51
CA VAL C 50 -16.73 -11.02 12.78
C VAL C 50 -17.60 -11.67 11.68
N ASN C 51 -17.04 -11.79 10.48
CA ASN C 51 -17.60 -12.59 9.37
C ASN C 51 -16.77 -13.87 9.27
N PRO C 52 -17.30 -15.00 9.73
CA PRO C 52 -16.47 -16.20 9.80
C PRO C 52 -16.08 -16.79 8.45
N LYS C 53 -16.91 -16.52 7.45
CA LYS C 53 -16.69 -16.93 6.07
C LYS C 53 -16.64 -15.72 5.16
N GLY C 54 -16.15 -14.62 5.71
CA GLY C 54 -15.82 -13.48 4.93
C GLY C 54 -17.00 -12.56 4.75
N LEU C 55 -16.66 -11.37 4.29
CA LEU C 55 -17.61 -10.29 4.09
C LEU C 55 -18.09 -10.29 2.65
N ASP C 56 -17.23 -10.68 1.72
CA ASP C 56 -17.54 -10.62 0.29
C ASP C 56 -16.72 -11.68 -0.51
N GLU C 57 -16.96 -11.74 -1.81
CA GLU C 57 -16.27 -12.68 -2.72
C GLU C 57 -14.75 -12.58 -2.69
N GLU C 58 -14.24 -11.36 -2.55
CA GLU C 58 -12.81 -11.13 -2.45
C GLU C 58 -12.25 -11.75 -1.15
N SER C 59 -12.95 -11.52 -0.04
CA SER C 59 -12.55 -12.08 1.26
C SER C 59 -13.21 -13.39 1.56
N LYS C 60 -13.66 -14.12 0.54
CA LYS C 60 -14.30 -15.42 0.74
C LYS C 60 -13.35 -16.42 1.40
N ASP C 61 -12.04 -16.27 1.20
CA ASP C 61 -11.10 -17.22 1.84
C ASP C 61 -10.74 -16.87 3.31
N TYR C 62 -11.19 -15.71 3.80
CA TYR C 62 -10.75 -15.15 5.08
C TYR C 62 -11.94 -14.89 6.04
N LEU C 63 -11.63 -14.96 7.32
CA LEU C 63 -12.45 -14.42 8.39
C LEU C 63 -12.18 -12.90 8.45
N SER C 64 -13.24 -12.10 8.59
CA SER C 64 -13.14 -10.61 8.62
C SER C 64 -13.47 -10.10 10.03
N LEU C 65 -12.75 -9.08 10.49
CA LEU C 65 -12.80 -8.68 11.91
C LEU C 65 -12.81 -7.19 12.04
N TYR C 66 -13.85 -6.69 12.68
CA TYR C 66 -14.10 -5.24 12.81
C TYR C 66 -14.41 -4.81 14.26
N LEU C 67 -13.99 -3.59 14.59
CA LEU C 67 -14.35 -2.91 15.83
C LEU C 67 -15.43 -1.90 15.47
N LEU C 68 -16.57 -1.95 16.15
CA LEU C 68 -17.67 -0.97 15.90
C LEU C 68 -17.85 -0.02 17.09
N LEU C 69 -18.04 1.26 16.80
CA LEU C 69 -18.42 2.21 17.84
C LEU C 69 -19.97 2.24 17.82
N VAL C 70 -20.57 1.65 18.84
CA VAL C 70 -22.05 1.53 18.92
C VAL C 70 -22.61 2.90 19.28
N SER C 71 -22.10 3.52 20.33
CA SER C 71 -22.60 4.89 20.70
C SER C 71 -21.53 5.72 21.37
N CYS C 72 -21.61 7.02 21.17
CA CYS C 72 -20.76 7.96 21.90
C CYS C 72 -21.48 9.32 22.05
N PRO C 73 -21.13 10.10 23.08
CA PRO C 73 -21.85 11.37 23.31
C PRO C 73 -21.41 12.50 22.38
N LYS C 74 -20.13 12.52 22.01
CA LYS C 74 -19.63 13.60 21.17
C LYS C 74 -19.65 13.18 19.74
N SER C 75 -19.11 14.03 18.88
CA SER C 75 -19.24 13.80 17.45
C SER C 75 -18.46 12.57 16.95
N GLU C 76 -17.28 12.35 17.52
CA GLU C 76 -16.40 11.30 17.01
C GLU C 76 -15.57 10.79 18.16
N VAL C 77 -14.97 9.62 17.95
CA VAL C 77 -13.75 9.34 18.73
C VAL C 77 -12.60 8.90 17.80
N ARG C 78 -11.40 9.21 18.25
CA ARG C 78 -10.21 8.79 17.52
C ARG C 78 -9.56 7.68 18.32
N ALA C 79 -9.39 6.53 17.71
CA ALA C 79 -8.79 5.41 18.43
C ALA C 79 -7.89 4.60 17.52
N LYS C 80 -6.86 4.04 18.13
CA LYS C 80 -6.05 2.95 17.54
C LYS C 80 -6.60 1.66 18.06
N PHE C 81 -6.42 0.60 17.28
CA PHE C 81 -6.89 -0.71 17.71
C PHE C 81 -5.93 -1.77 17.21
N LYS C 82 -5.93 -2.95 17.85
CA LYS C 82 -5.10 -4.07 17.45
C LYS C 82 -5.86 -5.37 17.69
N PHE C 83 -5.89 -6.27 16.70
CA PHE C 83 -6.61 -7.58 16.89
C PHE C 83 -5.59 -8.68 16.93
N SER C 84 -5.84 -9.68 17.76
CA SER C 84 -4.99 -10.87 17.77
C SER C 84 -5.79 -12.10 18.21
N ILE C 85 -5.15 -13.26 18.17
CA ILE C 85 -5.83 -14.54 18.46
C ILE C 85 -5.12 -15.22 19.62
N LEU C 86 -5.84 -15.80 20.58
CA LEU C 86 -5.16 -16.58 21.63
C LEU C 86 -4.98 -18.01 21.11
N ASN C 87 -3.73 -18.48 21.08
CA ASN C 87 -3.40 -19.85 20.66
C ASN C 87 -3.44 -20.79 21.84
N ALA C 88 -3.30 -22.09 21.56
CA ALA C 88 -3.51 -23.15 22.56
C ALA C 88 -2.44 -23.14 23.66
N LYS C 89 -1.25 -22.67 23.33
CA LYS C 89 -0.20 -22.42 24.33
C LYS C 89 -0.48 -21.22 25.27
N GLY C 90 -1.66 -20.59 25.21
CA GLY C 90 -1.96 -19.41 26.05
C GLY C 90 -1.32 -18.10 25.58
N GLU C 91 -0.75 -18.08 24.37
CA GLU C 91 -0.01 -16.92 23.82
C GLU C 91 -0.84 -16.09 22.83
N GLU C 92 -0.63 -14.79 22.83
CA GLU C 92 -1.17 -13.90 21.82
C GLU C 92 -0.42 -14.13 20.52
N THR C 93 -1.16 -14.22 19.41
CA THR C 93 -0.52 -14.44 18.11
C THR C 93 -1.27 -13.77 16.96
N LYS C 94 -0.62 -13.70 15.80
CA LYS C 94 -1.24 -13.16 14.55
C LYS C 94 -1.82 -11.73 14.72
N ALA C 95 -1.10 -10.92 15.48
CA ALA C 95 -1.59 -9.63 15.89
C ALA C 95 -1.43 -8.69 14.72
N MET C 96 -2.44 -7.85 14.48
CA MET C 96 -2.31 -6.79 13.52
C MET C 96 -2.92 -5.58 14.08
N GLU C 97 -2.29 -4.42 13.81
CA GLU C 97 -2.72 -3.15 14.34
C GLU C 97 -2.95 -2.11 13.26
N SER C 98 -3.84 -1.17 13.59
CA SER C 98 -3.98 0.07 12.89
C SER C 98 -2.82 0.69 13.59
N GLN C 99 -2.04 1.36 12.85
CA GLN C 99 -0.78 1.84 13.40
C GLN C 99 -0.99 3.28 13.88
N ARG C 100 -1.82 4.00 13.12
CA ARG C 100 -2.46 5.25 13.51
C ARG C 100 -3.89 5.09 14.02
N ALA C 101 -4.36 6.21 14.59
CA ALA C 101 -5.71 6.40 15.06
C ALA C 101 -6.68 6.51 13.93
N TYR C 102 -7.85 5.91 14.09
CA TYR C 102 -8.91 6.07 13.08
C TYR C 102 -10.05 6.92 13.71
N ARG C 103 -10.80 7.61 12.85
CA ARG C 103 -11.92 8.45 13.27
C ARG C 103 -13.15 7.58 13.28
N PHE C 104 -13.62 7.23 14.49
CA PHE C 104 -14.89 6.52 14.68
C PHE C 104 -16.06 7.48 14.92
N VAL C 105 -17.24 7.18 14.38
CA VAL C 105 -18.50 7.88 14.75
C VAL C 105 -19.53 6.80 15.07
N GLN C 106 -20.61 7.15 15.76
CA GLN C 106 -21.70 6.21 16.09
C GLN C 106 -22.09 5.39 14.85
N GLY C 107 -22.16 4.09 15.00
CA GLY C 107 -22.42 3.23 13.85
C GLY C 107 -21.31 3.01 12.82
N LYS C 108 -20.13 3.63 12.98
CA LYS C 108 -19.00 3.35 12.04
C LYS C 108 -18.07 2.28 12.61
N ASP C 109 -17.63 1.32 11.78
CA ASP C 109 -16.61 0.32 12.16
C ASP C 109 -15.35 0.38 11.30
N TRP C 110 -14.27 -0.16 11.83
CA TRP C 110 -12.95 -0.17 11.16
C TRP C 110 -12.34 -1.53 11.48
N GLY C 111 -11.69 -2.11 10.48
CA GLY C 111 -11.09 -3.43 10.68
C GLY C 111 -10.38 -3.98 9.46
N PHE C 112 -10.21 -5.29 9.48
CA PHE C 112 -9.45 -6.02 8.55
C PHE C 112 -10.39 -7.02 7.86
N LYS C 113 -10.67 -6.77 6.59
CA LYS C 113 -11.58 -7.65 5.85
C LYS C 113 -10.93 -9.04 5.69
N LYS C 114 -9.60 -9.07 5.61
CA LYS C 114 -8.86 -10.29 5.50
C LYS C 114 -7.93 -10.44 6.72
N PHE C 115 -8.54 -10.57 7.90
CA PHE C 115 -7.80 -10.70 9.13
C PHE C 115 -6.95 -11.97 9.16
N ILE C 116 -7.58 -13.13 8.92
CA ILE C 116 -6.87 -14.39 8.80
C ILE C 116 -7.54 -15.40 7.83
N ARG C 117 -6.70 -16.18 7.13
CA ARG C 117 -7.15 -17.25 6.21
C ARG C 117 -7.84 -18.33 6.98
N ARG C 118 -9.01 -18.69 6.49
CA ARG C 118 -9.87 -19.67 7.14
C ARG C 118 -9.19 -21.04 7.16
N ASP C 119 -8.47 -21.39 6.11
CA ASP C 119 -7.78 -22.70 6.08
C ASP C 119 -6.67 -22.81 7.14
N PHE C 120 -5.91 -21.73 7.32
CA PHE C 120 -4.84 -21.65 8.36
C PHE C 120 -5.46 -21.82 9.77
N LEU C 121 -6.56 -21.13 10.01
CA LEU C 121 -7.29 -21.13 11.29
C LEU C 121 -7.85 -22.51 11.63
N LEU C 122 -8.34 -23.21 10.61
CA LEU C 122 -8.76 -24.61 10.73
C LEU C 122 -7.63 -25.67 10.68
N ASP C 123 -6.50 -25.35 10.09
CA ASP C 123 -5.32 -26.22 10.10
C ASP C 123 -4.84 -26.38 11.54
N GLU C 124 -5.41 -27.37 12.21
CA GLU C 124 -5.13 -27.76 13.62
C GLU C 124 -3.67 -27.69 14.12
N ALA C 125 -2.70 -27.85 13.22
CA ALA C 125 -1.28 -27.61 13.52
C ALA C 125 -0.87 -26.13 13.79
N ASN C 126 -1.84 -25.21 13.82
CA ASN C 126 -1.61 -23.83 14.18
C ASN C 126 -2.17 -23.46 15.59
N GLY C 127 -2.85 -24.40 16.25
CA GLY C 127 -3.27 -24.24 17.65
C GLY C 127 -4.23 -23.10 17.92
N LEU C 128 -4.89 -22.61 16.87
CA LEU C 128 -5.72 -21.43 16.96
C LEU C 128 -7.16 -21.75 17.28
N LEU C 129 -7.49 -23.05 17.38
CA LEU C 129 -8.86 -23.50 17.71
C LEU C 129 -8.91 -24.65 18.71
N PRO C 130 -8.32 -24.48 19.91
CA PRO C 130 -8.39 -25.53 20.94
C PRO C 130 -9.84 -25.80 21.38
N ASP C 131 -10.23 -27.08 21.47
CA ASP C 131 -11.64 -27.49 21.74
C ASP C 131 -12.69 -26.77 20.88
N ASP C 132 -12.29 -26.51 19.62
CA ASP C 132 -13.10 -25.76 18.65
C ASP C 132 -13.57 -24.38 19.17
N LYS C 133 -12.74 -23.72 20.00
CA LYS C 133 -13.03 -22.37 20.53
C LYS C 133 -12.08 -21.39 19.87
N LEU C 134 -12.62 -20.28 19.32
CA LEU C 134 -11.82 -19.16 18.82
C LEU C 134 -11.83 -18.00 19.83
N THR C 135 -10.65 -17.70 20.35
CA THR C 135 -10.46 -16.59 21.27
C THR C 135 -9.73 -15.45 20.62
N LEU C 136 -10.43 -14.34 20.47
CA LEU C 136 -9.91 -13.13 19.89
C LEU C 136 -9.66 -12.05 20.97
N PHE C 137 -8.64 -11.21 20.75
CA PHE C 137 -8.28 -10.10 21.61
CA PHE C 137 -8.34 -10.05 21.62
C PHE C 137 -8.45 -8.78 20.81
N CYS C 138 -9.16 -7.77 21.36
CA CYS C 138 -9.20 -6.44 20.74
C CYS C 138 -8.64 -5.44 21.72
N GLU C 139 -7.51 -4.83 21.38
CA GLU C 139 -6.92 -3.77 22.18
C GLU C 139 -7.25 -2.41 21.57
N VAL C 140 -7.83 -1.51 22.38
CA VAL C 140 -8.32 -0.24 21.92
C VAL C 140 -7.59 0.80 22.75
N SER C 141 -7.04 1.81 22.08
CA SER C 141 -6.38 2.91 22.74
C SER C 141 -6.98 4.23 22.24
N VAL C 142 -7.67 4.93 23.13
CA VAL C 142 -8.43 6.09 22.74
C VAL C 142 -7.60 7.34 22.87
N VAL C 143 -7.45 8.05 21.76
CA VAL C 143 -6.61 9.25 21.66
C VAL C 143 -7.26 10.42 22.37
N GLN C 144 -6.47 11.02 23.28
CA GLN C 144 -6.90 12.04 24.24
C GLN C 144 -6.60 13.45 23.74
N SER D 5 -34.96 -10.43 -28.14
CA SER D 5 -34.62 -9.73 -26.87
C SER D 5 -33.29 -8.95 -27.00
N GLY D 6 -33.21 -7.77 -26.38
CA GLY D 6 -31.93 -7.09 -26.31
C GLY D 6 -31.82 -6.12 -25.19
N LYS D 7 -30.65 -5.56 -25.01
CA LYS D 7 -30.42 -4.65 -23.91
C LYS D 7 -29.14 -3.90 -24.05
N VAL D 8 -29.06 -2.82 -23.28
CA VAL D 8 -27.89 -1.96 -23.16
C VAL D 8 -26.92 -2.53 -22.15
N VAL D 9 -25.77 -2.96 -22.64
CA VAL D 9 -24.76 -3.60 -21.81
C VAL D 9 -23.47 -2.74 -21.56
N LYS D 10 -23.31 -1.66 -22.30
CA LYS D 10 -22.29 -0.62 -22.07
C LYS D 10 -22.89 0.75 -22.34
N PHE D 11 -22.51 1.71 -21.49
CA PHE D 11 -23.04 3.07 -21.51
C PHE D 11 -22.00 4.06 -20.86
N SER D 12 -22.01 5.29 -21.36
CA SER D 12 -21.15 6.35 -20.89
C SER D 12 -22.04 7.52 -20.50
N TYR D 13 -21.93 7.91 -19.24
CA TYR D 13 -22.72 8.95 -18.65
C TYR D 13 -21.86 10.17 -18.49
N MET D 14 -22.41 11.30 -18.92
CA MET D 14 -21.77 12.59 -18.77
C MET D 14 -22.61 13.41 -17.82
N TRP D 15 -21.96 13.90 -16.77
CA TRP D 15 -22.57 14.68 -15.71
C TRP D 15 -21.78 16.00 -15.51
N THR D 16 -22.52 17.10 -15.46
CA THR D 16 -21.97 18.41 -15.20
C THR D 16 -22.52 18.94 -13.91
N ILE D 17 -21.61 19.28 -13.00
CA ILE D 17 -21.97 19.92 -11.74
C ILE D 17 -21.65 21.42 -11.93
N ASN D 18 -22.70 22.25 -11.97
CA ASN D 18 -22.53 23.71 -12.11
C ASN D 18 -22.13 24.32 -10.76
N ASN D 19 -21.39 25.42 -10.77
CA ASN D 19 -20.95 26.13 -9.54
C ASN D 19 -20.23 25.23 -8.53
N PHE D 20 -19.21 24.52 -9.03
CA PHE D 20 -18.56 23.44 -8.26
C PHE D 20 -18.02 23.87 -6.89
N SER D 21 -17.35 25.02 -6.85
CA SER D 21 -16.86 25.59 -5.59
C SER D 21 -17.94 25.79 -4.51
N PHE D 22 -19.16 26.14 -4.91
CA PHE D 22 -20.28 26.33 -3.98
C PHE D 22 -21.05 25.05 -3.62
N CYS D 23 -20.71 23.91 -4.22
CA CYS D 23 -21.68 22.81 -4.27
C CYS D 23 -21.82 22.08 -2.93
N ARG D 24 -20.80 22.19 -2.07
CA ARG D 24 -20.93 21.69 -0.71
C ARG D 24 -21.97 22.50 0.07
N GLU D 25 -21.91 23.83 -0.05
CA GLU D 25 -22.87 24.75 0.59
C GLU D 25 -24.27 24.56 0.03
N GLU D 26 -24.38 24.71 -1.28
CA GLU D 26 -25.67 24.60 -1.98
C GLU D 26 -26.27 23.19 -1.97
N MET D 27 -25.44 22.16 -1.71
CA MET D 27 -25.86 20.77 -1.86
C MET D 27 -25.26 19.70 -0.90
N GLY D 28 -24.56 20.12 0.17
CA GLY D 28 -24.06 19.20 1.18
C GLY D 28 -22.81 18.38 0.88
N GLU D 29 -22.49 17.51 1.85
CA GLU D 29 -21.33 16.62 1.84
C GLU D 29 -21.30 15.58 0.70
N VAL D 30 -22.48 15.04 0.34
CA VAL D 30 -22.65 14.10 -0.80
C VAL D 30 -23.52 14.77 -1.84
N ILE D 31 -23.20 14.47 -3.09
CA ILE D 31 -24.03 14.86 -4.22
C ILE D 31 -24.30 13.59 -5.06
N LYS D 32 -25.57 13.34 -5.38
CA LYS D 32 -25.92 12.24 -6.28
C LYS D 32 -26.50 12.84 -7.53
N SER D 33 -26.09 12.26 -8.66
CA SER D 33 -26.70 12.56 -9.95
C SER D 33 -28.13 12.03 -10.02
N SER D 34 -28.84 12.44 -11.07
CA SER D 34 -30.08 11.72 -11.42
C SER D 34 -29.76 10.30 -11.93
N THR D 35 -30.75 9.42 -11.97
CA THR D 35 -30.49 8.03 -12.26
C THR D 35 -30.44 7.83 -13.78
N PHE D 36 -29.69 6.82 -14.19
CA PHE D 36 -29.64 6.37 -15.56
C PHE D 36 -29.72 4.85 -15.52
N SER D 37 -30.33 4.32 -16.59
CA SER D 37 -30.85 2.95 -16.72
C SER D 37 -30.07 2.09 -17.71
N SER D 38 -29.92 0.78 -17.41
CA SER D 38 -29.41 -0.19 -18.39
C SER D 38 -30.07 -1.58 -18.18
N GLY D 39 -29.65 -2.55 -19.00
CA GLY D 39 -30.04 -3.96 -18.81
C GLY D 39 -31.43 -4.31 -19.33
N ALA D 40 -31.87 -5.52 -18.98
CA ALA D 40 -33.15 -6.05 -19.45
C ALA D 40 -34.30 -5.19 -18.91
N ASN D 41 -35.16 -4.74 -19.83
CA ASN D 41 -36.31 -3.84 -19.56
C ASN D 41 -35.94 -2.62 -18.71
N ASP D 42 -34.74 -2.09 -18.88
CA ASP D 42 -34.25 -0.96 -18.08
C ASP D 42 -34.31 -1.18 -16.58
N LYS D 43 -34.23 -2.43 -16.12
CA LYS D 43 -34.40 -2.72 -14.70
C LYS D 43 -33.22 -2.26 -13.86
N LEU D 44 -32.05 -2.01 -14.47
CA LEU D 44 -30.88 -1.59 -13.69
C LEU D 44 -30.86 -0.07 -13.63
N LYS D 45 -30.89 0.46 -12.41
CA LYS D 45 -30.85 1.91 -12.15
C LYS D 45 -29.57 2.35 -11.42
N TRP D 46 -28.86 3.26 -12.05
CA TRP D 46 -27.59 3.67 -11.52
C TRP D 46 -27.60 5.17 -11.25
N CYS D 47 -26.72 5.60 -10.36
CA CYS D 47 -26.35 7.02 -10.31
C CYS D 47 -24.88 7.20 -10.03
N LEU D 48 -24.37 8.43 -10.20
CA LEU D 48 -23.03 8.78 -9.70
C LEU D 48 -23.19 9.42 -8.33
N ARG D 49 -22.18 9.24 -7.49
CA ARG D 49 -22.15 9.83 -6.18
C ARG D 49 -20.79 10.43 -5.97
N VAL D 50 -20.81 11.70 -5.56
CA VAL D 50 -19.60 12.48 -5.41
C VAL D 50 -19.52 13.17 -4.04
N ASN D 51 -18.37 13.03 -3.39
CA ASN D 51 -18.07 13.77 -2.16
C ASN D 51 -17.05 14.80 -2.59
N PRO D 52 -17.48 16.07 -2.79
CA PRO D 52 -16.59 17.17 -3.19
C PRO D 52 -15.29 17.25 -2.37
N LYS D 53 -15.40 17.04 -1.05
CA LYS D 53 -14.27 16.83 -0.14
C LYS D 53 -14.41 15.48 0.48
N GLY D 54 -13.34 14.69 0.52
CA GLY D 54 -13.43 13.33 1.06
C GLY D 54 -13.94 13.27 2.51
N LEU D 55 -14.59 12.16 2.86
CA LEU D 55 -15.27 12.01 4.15
C LEU D 55 -14.48 11.22 5.21
N ASP D 56 -13.15 11.26 5.11
CA ASP D 56 -12.29 10.79 6.19
C ASP D 56 -10.97 11.52 6.09
N GLU D 57 -10.03 11.17 6.96
CA GLU D 57 -8.72 11.85 7.01
C GLU D 57 -7.81 11.46 5.85
N GLU D 58 -7.88 10.19 5.43
CA GLU D 58 -7.22 9.72 4.21
C GLU D 58 -7.57 10.61 2.97
N SER D 59 -8.85 11.02 2.85
CA SER D 59 -9.38 11.56 1.54
C SER D 59 -9.83 13.01 1.52
N LYS D 60 -9.68 13.72 2.63
CA LYS D 60 -10.22 15.08 2.74
C LYS D 60 -9.58 16.10 1.80
N ASP D 61 -8.35 15.83 1.34
CA ASP D 61 -7.72 16.64 0.25
C ASP D 61 -8.20 16.27 -1.18
N TYR D 62 -9.10 15.28 -1.32
CA TYR D 62 -9.47 14.79 -2.65
C TYR D 62 -10.94 15.00 -2.80
N LEU D 63 -11.39 14.97 -4.05
CA LEU D 63 -12.78 14.68 -4.39
C LEU D 63 -12.91 13.15 -4.48
N SER D 64 -14.03 12.62 -3.99
CA SER D 64 -14.29 11.20 -4.11
C SER D 64 -15.38 11.01 -5.13
N LEU D 65 -15.29 9.91 -5.89
CA LEU D 65 -16.20 9.63 -7.03
C LEU D 65 -16.57 8.15 -7.11
N TYR D 66 -17.88 7.87 -7.00
CA TYR D 66 -18.41 6.51 -6.92
C TYR D 66 -19.59 6.21 -7.91
N LEU D 67 -19.64 4.97 -8.38
CA LEU D 67 -20.78 4.42 -9.16
C LEU D 67 -21.69 3.63 -8.24
N LEU D 68 -22.99 4.02 -8.15
CA LEU D 68 -23.95 3.37 -7.24
C LEU D 68 -25.02 2.59 -8.01
N LEU D 69 -25.26 1.35 -7.60
CA LEU D 69 -26.41 0.65 -8.11
C LEU D 69 -27.63 0.96 -7.19
N VAL D 70 -28.54 1.80 -7.67
CA VAL D 70 -29.65 2.32 -6.89
C VAL D 70 -30.77 1.29 -6.73
N SER D 71 -31.26 0.75 -7.84
CA SER D 71 -32.24 -0.34 -7.80
C SER D 71 -31.99 -1.43 -8.82
N CYS D 72 -32.24 -2.67 -8.41
CA CYS D 72 -32.20 -3.80 -9.33
C CYS D 72 -33.00 -5.02 -8.86
N PRO D 73 -33.40 -5.90 -9.80
CA PRO D 73 -34.22 -7.06 -9.45
C PRO D 73 -33.42 -8.32 -9.08
N LYS D 74 -32.49 -8.76 -9.93
CA LYS D 74 -31.71 -9.98 -9.65
C LYS D 74 -30.93 -9.82 -8.34
N SER D 75 -30.30 -10.91 -7.93
CA SER D 75 -29.50 -10.86 -6.71
C SER D 75 -28.30 -9.90 -6.83
N GLU D 76 -27.73 -9.74 -8.05
CA GLU D 76 -26.43 -9.06 -8.22
C GLU D 76 -26.09 -8.81 -9.69
N VAL D 77 -25.36 -7.70 -9.97
CA VAL D 77 -24.70 -7.48 -11.29
C VAL D 77 -23.20 -7.14 -11.17
N ARG D 78 -22.43 -7.62 -12.14
CA ARG D 78 -20.98 -7.42 -12.20
C ARG D 78 -20.55 -6.48 -13.36
N ALA D 79 -19.77 -5.47 -13.00
CA ALA D 79 -19.50 -4.37 -13.94
C ALA D 79 -18.12 -3.79 -13.76
N LYS D 80 -17.43 -3.53 -14.86
CA LYS D 80 -16.20 -2.75 -14.83
C LYS D 80 -16.61 -1.30 -15.04
N PHE D 81 -15.83 -0.35 -14.52
CA PHE D 81 -16.05 1.13 -14.75
C PHE D 81 -14.74 1.92 -15.00
N LYS D 82 -14.88 3.11 -15.57
CA LYS D 82 -13.79 4.02 -15.79
C LYS D 82 -14.37 5.44 -15.57
N PHE D 83 -13.64 6.24 -14.81
CA PHE D 83 -14.08 7.66 -14.52
C PHE D 83 -13.03 8.60 -15.15
N SER D 84 -13.47 9.71 -15.72
CA SER D 84 -12.54 10.73 -16.29
C SER D 84 -13.22 12.09 -16.22
N ILE D 85 -12.45 13.14 -16.52
CA ILE D 85 -12.92 14.51 -16.40
C ILE D 85 -12.85 15.10 -17.80
N LEU D 86 -13.85 15.87 -18.17
CA LEU D 86 -13.83 16.49 -19.48
C LEU D 86 -13.24 17.90 -19.24
N ASN D 87 -12.07 18.16 -19.82
CA ASN D 87 -11.42 19.46 -19.65
C ASN D 87 -12.09 20.59 -20.48
N ALA D 88 -11.65 21.82 -20.20
CA ALA D 88 -12.10 23.04 -20.86
C ALA D 88 -12.03 23.04 -22.40
N LYS D 89 -11.10 22.27 -22.97
CA LYS D 89 -10.99 22.10 -24.42
C LYS D 89 -11.72 20.85 -24.94
N GLY D 90 -12.70 20.34 -24.20
CA GLY D 90 -13.52 19.21 -24.65
C GLY D 90 -12.93 17.80 -24.60
N GLU D 91 -11.66 17.64 -24.22
CA GLU D 91 -10.99 16.32 -24.21
C GLU D 91 -11.14 15.57 -22.88
N GLU D 92 -10.96 14.26 -22.97
CA GLU D 92 -10.98 13.37 -21.81
C GLU D 92 -9.61 13.30 -21.09
N THR D 93 -9.59 13.58 -19.80
CA THR D 93 -8.35 13.58 -19.04
C THR D 93 -8.52 12.89 -17.69
N LYS D 94 -7.39 12.53 -17.10
CA LYS D 94 -7.34 11.98 -15.73
C LYS D 94 -8.15 10.69 -15.52
N ALA D 95 -8.26 9.89 -16.58
CA ALA D 95 -9.03 8.68 -16.53
C ALA D 95 -8.41 7.67 -15.59
N MET D 96 -9.24 6.96 -14.87
CA MET D 96 -8.80 5.81 -14.09
C MET D 96 -9.87 4.74 -14.19
N GLU D 97 -9.45 3.48 -14.19
CA GLU D 97 -10.41 2.42 -14.42
C GLU D 97 -10.30 1.37 -13.36
N SER D 98 -11.39 0.70 -13.12
CA SER D 98 -11.42 -0.48 -12.31
C SER D 98 -10.79 -1.48 -13.22
N GLN D 99 -10.01 -2.40 -12.74
CA GLN D 99 -9.45 -3.27 -13.82
C GLN D 99 -10.32 -4.46 -14.03
N ARG D 100 -10.84 -4.95 -12.92
CA ARG D 100 -11.72 -6.06 -12.91
C ARG D 100 -13.15 -5.55 -12.74
N ALA D 101 -14.09 -6.42 -13.03
CA ALA D 101 -15.50 -6.13 -12.75
C ALA D 101 -15.69 -6.25 -11.25
N TYR D 102 -16.57 -5.44 -10.69
CA TYR D 102 -16.90 -5.47 -9.24
C TYR D 102 -18.34 -5.89 -9.16
N ARG D 103 -18.69 -6.49 -8.03
CA ARG D 103 -20.02 -7.02 -7.78
C ARG D 103 -20.88 -5.92 -7.12
N PHE D 104 -21.95 -5.55 -7.79
CA PHE D 104 -22.89 -4.56 -7.29
C PHE D 104 -24.15 -5.31 -6.91
N VAL D 105 -24.72 -4.94 -5.76
CA VAL D 105 -26.15 -5.19 -5.47
C VAL D 105 -26.78 -3.86 -5.18
N GLN D 106 -28.12 -3.86 -5.17
CA GLN D 106 -28.91 -2.68 -4.82
C GLN D 106 -28.33 -1.97 -3.57
N GLY D 107 -28.05 -0.66 -3.69
CA GLY D 107 -27.50 0.16 -2.58
C GLY D 107 -25.98 0.25 -2.43
N LYS D 108 -25.26 -0.53 -3.22
CA LYS D 108 -23.79 -0.67 -3.16
C LYS D 108 -23.11 0.23 -4.18
N ASP D 109 -22.02 0.83 -3.77
CA ASP D 109 -21.20 1.64 -4.67
C ASP D 109 -19.75 1.17 -4.67
N TRP D 110 -19.06 1.49 -5.75
CA TRP D 110 -17.66 1.24 -5.90
C TRP D 110 -17.13 2.47 -6.63
N GLY D 111 -15.94 2.90 -6.22
CA GLY D 111 -15.29 4.02 -6.81
C GLY D 111 -13.93 4.34 -6.23
N PHE D 112 -13.57 5.59 -6.39
CA PHE D 112 -12.24 6.05 -6.07
C PHE D 112 -12.40 7.07 -4.95
N LYS D 113 -12.05 6.67 -3.74
CA LYS D 113 -12.04 7.62 -2.61
C LYS D 113 -11.12 8.85 -2.85
N LYS D 114 -9.99 8.67 -3.55
CA LYS D 114 -9.06 9.75 -3.88
C LYS D 114 -8.96 9.89 -5.40
N PHE D 115 -10.03 10.37 -6.04
CA PHE D 115 -10.07 10.39 -7.49
C PHE D 115 -9.22 11.55 -8.03
N ILE D 116 -9.32 12.71 -7.41
CA ILE D 116 -8.41 13.78 -7.73
C ILE D 116 -8.18 14.77 -6.60
N ARG D 117 -6.93 15.22 -6.43
CA ARG D 117 -6.60 16.22 -5.41
C ARG D 117 -7.39 17.50 -5.65
N ARG D 118 -8.02 17.97 -4.58
CA ARG D 118 -8.80 19.20 -4.63
C ARG D 118 -7.99 20.43 -5.06
N ASP D 119 -6.78 20.58 -4.53
CA ASP D 119 -5.94 21.72 -4.94
C ASP D 119 -5.43 21.67 -6.39
N PHE D 120 -5.34 20.48 -7.00
CA PHE D 120 -5.13 20.40 -8.45
C PHE D 120 -6.42 20.79 -9.21
N LEU D 121 -7.55 20.23 -8.81
CA LEU D 121 -8.84 20.51 -9.50
C LEU D 121 -9.19 22.02 -9.46
N LEU D 122 -9.13 22.57 -8.25
CA LEU D 122 -9.49 23.99 -8.01
C LEU D 122 -8.52 25.02 -8.60
N ASP D 123 -7.31 24.60 -8.97
CA ASP D 123 -6.43 25.47 -9.73
C ASP D 123 -6.96 25.52 -11.14
N GLU D 124 -7.68 26.60 -11.45
CA GLU D 124 -8.34 26.75 -12.75
C GLU D 124 -7.38 26.86 -13.94
N ALA D 125 -6.08 27.01 -13.70
CA ALA D 125 -5.10 26.94 -14.81
C ALA D 125 -4.99 25.52 -15.37
N ASN D 126 -5.27 24.50 -14.55
CA ASN D 126 -5.32 23.10 -15.07
C ASN D 126 -6.48 22.82 -16.01
N GLY D 127 -7.50 23.67 -16.00
CA GLY D 127 -8.55 23.64 -17.03
C GLY D 127 -9.59 22.55 -16.82
N LEU D 128 -9.85 22.20 -15.58
CA LEU D 128 -10.85 21.17 -15.27
C LEU D 128 -12.14 21.76 -14.69
N LEU D 129 -12.20 23.08 -14.47
CA LEU D 129 -13.41 23.74 -13.99
C LEU D 129 -13.80 24.98 -14.81
N PRO D 130 -13.80 24.89 -16.16
CA PRO D 130 -14.16 26.05 -16.99
C PRO D 130 -15.55 26.59 -16.62
N ASP D 131 -15.65 27.90 -16.34
CA ASP D 131 -16.88 28.55 -15.85
C ASP D 131 -17.35 28.02 -14.48
N ASP D 132 -16.41 27.54 -13.68
CA ASP D 132 -16.67 26.81 -12.44
C ASP D 132 -17.53 25.55 -12.63
N LYS D 133 -17.45 24.91 -13.80
CA LYS D 133 -18.26 23.72 -14.10
C LYS D 133 -17.38 22.48 -14.10
N LEU D 134 -17.80 21.45 -13.38
CA LEU D 134 -17.09 20.17 -13.39
C LEU D 134 -17.89 19.21 -14.19
N THR D 135 -17.30 18.68 -15.25
CA THR D 135 -17.93 17.68 -16.12
C THR D 135 -17.20 16.32 -16.02
N LEU D 136 -17.92 15.30 -15.57
CA LEU D 136 -17.39 13.98 -15.31
C LEU D 136 -17.97 13.01 -16.32
N PHE D 137 -17.18 11.97 -16.59
CA PHE D 137 -17.51 10.96 -17.55
C PHE D 137 -17.37 9.58 -16.85
N CYS D 138 -18.44 8.79 -16.81
CA CYS D 138 -18.38 7.44 -16.26
C CYS D 138 -18.77 6.48 -17.36
N GLU D 139 -17.80 5.70 -17.83
CA GLU D 139 -18.04 4.55 -18.78
C GLU D 139 -18.18 3.24 -18.02
N VAL D 140 -19.30 2.55 -18.20
CA VAL D 140 -19.64 1.31 -17.46
C VAL D 140 -19.74 0.19 -18.46
N SER D 141 -19.13 -0.94 -18.15
CA SER D 141 -19.27 -2.15 -18.98
C SER D 141 -19.81 -3.31 -18.11
N VAL D 142 -21.04 -3.76 -18.35
CA VAL D 142 -21.70 -4.82 -17.53
C VAL D 142 -21.44 -6.26 -18.06
N VAL D 143 -20.94 -7.15 -17.20
CA VAL D 143 -20.50 -8.51 -17.64
C VAL D 143 -21.69 -9.44 -17.90
N GLN D 144 -21.57 -10.23 -18.97
CA GLN D 144 -22.60 -11.11 -19.55
C GLN D 144 -22.17 -12.60 -19.52
N PRO E 2 40.98 -1.30 11.99
CA PRO E 2 39.94 -0.93 12.97
C PRO E 2 39.39 0.51 12.84
N GLU E 3 39.24 0.98 11.60
CA GLU E 3 38.46 2.19 11.33
C GLU E 3 36.94 1.93 11.43
N GLN E 4 36.53 0.67 11.23
CA GLN E 4 35.14 0.22 11.36
C GLN E 4 35.09 -1.05 12.22
N ASP E 5 34.04 -1.19 13.03
CA ASP E 5 33.80 -2.41 13.76
C ASP E 5 32.47 -3.04 13.40
N SER E 6 32.47 -4.35 13.17
CA SER E 6 31.33 -5.05 12.57
C SER E 6 30.28 -5.54 13.54
N ALA E 7 30.47 -5.33 14.84
CA ALA E 7 29.51 -5.81 15.83
C ALA E 7 28.15 -5.04 15.67
N VAL E 8 27.06 -5.81 15.68
CA VAL E 8 25.73 -5.27 15.57
C VAL E 8 25.07 -5.32 16.91
N THR E 9 24.51 -4.18 17.29
CA THR E 9 23.73 -4.02 18.48
C THR E 9 22.48 -3.18 18.21
N SER E 10 21.53 -3.31 19.15
CA SER E 10 20.30 -2.50 19.18
C SER E 10 20.52 -1.28 20.05
N GLY E 11 19.57 -0.37 20.02
CA GLY E 11 19.77 0.98 20.57
C GLY E 11 19.82 0.97 22.06
N GLU E 12 20.99 1.28 22.61
CA GLU E 12 21.38 0.94 23.98
C GLU E 12 21.76 2.18 24.80
N PRO F 2 -1.47 -15.74 1.06
CA PRO F 2 -0.83 -14.86 2.05
C PRO F 2 -1.71 -14.63 3.30
N GLU F 3 -1.30 -15.18 4.44
CA GLU F 3 -2.30 -15.57 5.46
C GLU F 3 -3.07 -14.45 6.20
N GLN F 4 -2.48 -13.26 6.34
CA GLN F 4 -3.24 -12.06 6.84
C GLN F 4 -2.93 -10.95 5.91
N ASP F 5 -3.84 -10.01 5.77
CA ASP F 5 -3.60 -8.79 4.99
C ASP F 5 -3.82 -7.59 5.89
N SER F 6 -2.90 -6.65 5.90
CA SER F 6 -2.96 -5.56 6.85
C SER F 6 -3.85 -4.37 6.44
N ALA F 7 -4.53 -4.45 5.30
CA ALA F 7 -5.39 -3.38 4.82
C ALA F 7 -6.60 -3.07 5.74
N VAL F 8 -6.72 -1.81 6.14
CA VAL F 8 -7.77 -1.37 7.07
C VAL F 8 -8.92 -0.75 6.30
N THR F 9 -10.11 -1.36 6.41
CA THR F 9 -11.35 -0.87 5.84
C THR F 9 -12.48 -0.71 6.85
N SER F 10 -13.53 -0.02 6.39
CA SER F 10 -14.77 0.13 7.11
C SER F 10 -15.80 -0.73 6.41
N GLY F 11 -16.42 -1.68 7.12
CA GLY F 11 -17.20 -2.73 6.51
C GLY F 11 -18.60 -2.31 6.14
N PRO G 2 0.13 14.06 -4.02
CA PRO G 2 -0.31 12.83 -4.75
C PRO G 2 -1.62 13.05 -5.63
N GLU G 3 -1.49 13.25 -6.95
CA GLU G 3 -2.57 13.79 -7.83
C GLU G 3 -3.92 12.97 -7.92
N GLN G 4 -3.82 11.68 -8.22
CA GLN G 4 -4.92 10.71 -8.14
C GLN G 4 -4.34 9.41 -7.57
N ASP G 5 -5.18 8.64 -6.92
CA ASP G 5 -4.87 7.28 -6.50
C ASP G 5 -5.94 6.35 -7.09
N SER G 6 -5.49 5.27 -7.74
CA SER G 6 -6.38 4.29 -8.45
C SER G 6 -7.01 3.19 -7.57
N ALA G 7 -6.80 3.20 -6.26
CA ALA G 7 -7.48 2.25 -5.35
C ALA G 7 -9.00 2.31 -5.36
N VAL G 8 -9.65 1.15 -5.45
CA VAL G 8 -11.09 1.05 -5.51
C VAL G 8 -11.67 0.55 -4.18
N THR G 9 -12.65 1.28 -3.67
CA THR G 9 -13.33 0.95 -2.46
C THR G 9 -14.82 1.22 -2.60
N SER G 10 -15.56 0.58 -1.72
CA SER G 10 -16.97 0.80 -1.61
C SER G 10 -17.16 2.10 -0.84
N GLY G 11 -18.24 2.82 -1.15
CA GLY G 11 -18.52 4.12 -0.52
C GLY G 11 -18.80 4.00 0.96
N GLU G 12 -18.30 4.98 1.74
CA GLU G 12 -18.37 4.97 3.20
C GLU G 12 -19.30 6.09 3.67
N GLU H 3 13.14 -17.20 -27.08
CA GLU H 3 12.59 -17.44 -25.72
C GLU H 3 12.39 -16.15 -24.90
N GLN H 4 13.35 -15.21 -25.03
CA GLN H 4 13.30 -13.85 -24.46
C GLN H 4 14.04 -12.88 -25.39
N ASP H 5 13.46 -11.69 -25.71
CA ASP H 5 14.16 -10.61 -26.46
C ASP H 5 14.59 -9.40 -25.60
N SER H 6 15.87 -9.05 -25.73
CA SER H 6 16.51 -7.99 -24.94
C SER H 6 16.09 -6.55 -25.23
N ALA H 7 15.36 -6.26 -26.31
CA ALA H 7 15.14 -4.86 -26.75
C ALA H 7 14.05 -4.07 -25.98
N VAL H 8 14.20 -2.75 -25.88
CA VAL H 8 13.43 -1.90 -24.98
C VAL H 8 12.60 -0.82 -25.68
N THR H 9 11.28 -0.85 -25.45
CA THR H 9 10.36 0.07 -26.09
C THR H 9 9.44 0.73 -25.10
N SER H 10 8.83 1.83 -25.52
CA SER H 10 7.77 2.45 -24.76
C SER H 10 6.44 1.78 -25.11
N GLY H 11 5.36 2.22 -24.45
CA GLY H 11 4.06 1.62 -24.61
C GLY H 11 3.44 1.83 -25.96
#